data_4Z1V
#
_entry.id   4Z1V
#
_cell.length_a   86.650
_cell.length_b   86.650
_cell.length_c   147.730
_cell.angle_alpha   90.000
_cell.angle_beta   90.000
_cell.angle_gamma   90.000
#
_symmetry.space_group_name_H-M   'P 41 21 2'
#
loop_
_entity.id
_entity.type
_entity.pdbx_description
1 polymer 'Hypoxia-inducible factor 1-alpha inhibitor'
2 non-polymer N-OXALYLGLYCINE
3 non-polymer 'NITRIC OXIDE'
4 non-polymer DI(HYDROXYETHYL)ETHER
5 non-polymer 'FE (III) ION'
6 non-polymer 'SULFATE ION'
7 water water
#
_entity_poly.entity_id   1
_entity_poly.type   'polypeptide(L)'
_entity_poly.pdbx_seq_one_letter_code
;GSHMAATAAEAVASGSGEPREEAGALGPAWDESQLRSYSFPTRPIPRLSQSDPRAEELIENEEPVVLTDTNLVYPALKWD
LEYLQENIGNGDFSVYSASTHKFLYYDEKKMANFQNFKPRSNREEMKFHEFVEKLQDIQQRGGEERLYLQQTLNDTVGRK
IVMDFLGFNWNWINKQQGKRGWGQLTSNLLLIGMEGNVTPAHYDEQQNFFAQIKGYKRCILFPPDQFECLYPYPVHHPCD
RQSQVDFDNPDYERFPNFQNVVGYETVVGPGDVLYIPMYWWHHIESLLNGGITITVNFWYKGAPTPKRIEYPLKAHQKVA
IMRNIEKMLGEALGNPQEVGPLLNTMIKGRYN
;
_entity_poly.pdbx_strand_id   A
#
loop_
_chem_comp.id
_chem_comp.type
_chem_comp.name
_chem_comp.formula
FE non-polymer 'FE (III) ION' 'Fe 3'
NO non-polymer 'NITRIC OXIDE' 'N O'
OGA non-polymer N-OXALYLGLYCINE 'C4 H5 N O5'
PEG non-polymer DI(HYDROXYETHYL)ETHER 'C4 H10 O3'
SO4 non-polymer 'SULFATE ION' 'O4 S -2'
#
# COMPACT_ATOMS: atom_id res chain seq x y z
N VAL A 12 16.73 13.58 13.54
CA VAL A 12 15.73 14.32 12.66
C VAL A 12 15.32 13.49 11.39
N ALA A 13 16.29 12.82 10.79
CA ALA A 13 16.03 11.61 10.00
C ALA A 13 16.13 10.37 10.94
N SER A 14 15.18 10.26 11.86
CA SER A 14 15.15 9.15 12.80
C SER A 14 14.29 7.98 12.30
N GLY A 15 13.77 8.10 11.08
CA GLY A 15 12.95 7.07 10.49
C GLY A 15 11.85 6.69 11.48
N SER A 16 11.75 5.39 11.79
CA SER A 16 10.69 4.84 12.68
C SER A 16 10.95 4.96 14.20
N GLY A 17 12.10 5.54 14.56
CA GLY A 17 12.46 5.80 15.95
C GLY A 17 12.79 4.56 16.76
N GLU A 18 13.14 4.88 17.99
CA GLU A 18 13.44 3.89 19.01
C GLU A 18 12.22 2.96 19.12
N PRO A 19 12.41 1.63 18.92
CA PRO A 19 11.22 0.75 18.96
C PRO A 19 10.39 0.89 20.25
N ARG A 20 9.09 0.73 20.13
CA ARG A 20 8.21 0.82 21.30
C ARG A 20 8.35 -0.41 22.19
N GLU A 21 7.95 -0.25 23.46
CA GLU A 21 7.98 -1.32 24.44
C GLU A 21 6.59 -1.93 24.53
N GLU A 22 6.46 -3.24 24.34
CA GLU A 22 5.20 -3.92 24.63
C GLU A 22 4.83 -3.79 26.13
N ALA A 23 3.59 -3.47 26.39
CA ALA A 23 2.98 -3.47 27.73
C ALA A 23 3.38 -4.70 28.54
N GLY A 24 3.55 -4.54 29.86
CA GLY A 24 3.85 -5.69 30.74
C GLY A 24 5.26 -6.24 30.55
N ALA A 25 6.15 -5.37 30.12
CA ALA A 25 7.61 -5.63 30.02
C ALA A 25 7.88 -6.89 29.19
N LEU A 26 7.09 -7.06 28.13
CA LEU A 26 7.30 -8.14 27.19
C LEU A 26 8.40 -7.77 26.21
N GLY A 27 9.00 -6.60 26.40
CA GLY A 27 10.24 -6.25 25.69
C GLY A 27 9.99 -5.44 24.42
N PRO A 28 11.05 -5.20 23.64
CA PRO A 28 10.83 -4.40 22.45
C PRO A 28 9.92 -5.11 21.45
N ALA A 29 8.98 -4.37 20.88
CA ALA A 29 8.12 -4.87 19.81
C ALA A 29 8.93 -5.44 18.61
N TRP A 30 9.99 -4.76 18.21
CA TRP A 30 10.81 -5.22 17.06
C TRP A 30 12.16 -4.58 17.25
N ASP A 31 13.17 -4.93 16.45
CA ASP A 31 14.42 -4.15 16.50
C ASP A 31 14.99 -3.78 15.16
N GLU A 32 15.93 -2.84 15.18
CA GLU A 32 16.55 -2.24 13.99
C GLU A 32 16.83 -3.25 12.90
N SER A 33 17.25 -4.46 13.30
CA SER A 33 17.70 -5.48 12.34
C SER A 33 16.57 -6.17 11.62
N GLN A 34 15.33 -5.97 12.03
CA GLN A 34 14.17 -6.48 11.27
C GLN A 34 13.78 -5.61 10.05
N LEU A 35 14.43 -4.44 9.94
CA LEU A 35 14.20 -3.47 8.87
C LEU A 35 15.22 -3.60 7.74
N ARG A 36 14.80 -3.50 6.47
CA ARG A 36 15.70 -3.60 5.35
C ARG A 36 16.48 -2.29 5.27
N SER A 37 17.57 -2.28 4.54
CA SER A 37 18.45 -1.09 4.44
C SER A 37 18.33 -0.47 3.09
N TYR A 38 18.09 0.83 3.06
CA TYR A 38 17.82 1.50 1.84
C TYR A 38 18.73 2.74 1.76
N SER A 39 18.77 3.36 0.58
CA SER A 39 19.68 4.50 0.27
C SER A 39 19.21 5.90 0.65
N PHE A 40 18.01 6.06 1.11
CA PHE A 40 17.50 7.39 1.24
C PHE A 40 17.21 7.63 2.70
N PRO A 41 17.12 8.89 3.08
CA PRO A 41 16.71 9.19 4.43
C PRO A 41 15.20 9.26 4.63
N THR A 42 14.78 9.19 5.90
CA THR A 42 13.39 9.33 6.27
C THR A 42 13.23 9.94 7.62
N ARG A 43 12.08 10.56 7.78
CA ARG A 43 11.67 11.11 9.04
C ARG A 43 10.39 10.40 9.49
N PRO A 44 10.06 10.47 10.77
CA PRO A 44 8.97 9.69 11.29
C PRO A 44 7.63 10.25 10.96
N ILE A 45 6.68 9.35 10.72
CA ILE A 45 5.28 9.74 10.69
C ILE A 45 4.78 9.95 12.15
N PRO A 46 3.99 10.99 12.41
CA PRO A 46 3.51 11.12 13.76
C PRO A 46 2.53 10.01 14.21
N ARG A 47 2.62 9.60 15.48
CA ARG A 47 1.76 8.62 16.12
C ARG A 47 1.04 9.41 17.12
N LEU A 48 -0.26 9.42 16.99
CA LEU A 48 -1.11 10.28 17.78
C LEU A 48 -2.39 9.56 18.13
N SER A 49 -3.09 10.11 19.13
CA SER A 49 -4.43 9.72 19.45
C SER A 49 -5.46 10.39 18.55
N GLN A 50 -6.52 9.64 18.28
CA GLN A 50 -7.56 10.06 17.37
C GLN A 50 -8.27 11.26 18.01
N SER A 51 -8.20 11.40 19.35
CA SER A 51 -8.73 12.61 20.04
C SER A 51 -7.85 13.85 19.83
N ASP A 52 -6.61 13.65 19.44
CA ASP A 52 -5.66 14.76 19.27
C ASP A 52 -5.98 15.62 18.02
N PRO A 53 -6.25 16.91 18.25
CA PRO A 53 -6.61 17.75 17.11
C PRO A 53 -5.51 17.87 16.04
N ARG A 54 -4.26 17.54 16.38
CA ARG A 54 -3.19 17.51 15.38
C ARG A 54 -3.44 16.39 14.37
N ALA A 55 -4.11 15.33 14.81
CA ALA A 55 -4.29 14.20 13.93
C ALA A 55 -5.36 14.59 12.96
N GLU A 56 -6.45 15.20 13.43
CA GLU A 56 -7.51 15.70 12.54
C GLU A 56 -6.93 16.66 11.49
N GLU A 57 -5.98 17.46 11.92
CA GLU A 57 -5.35 18.48 11.12
C GLU A 57 -4.56 17.82 10.00
N LEU A 58 -3.74 16.82 10.35
CA LEU A 58 -3.01 16.03 9.38
C LEU A 58 -3.91 15.40 8.33
N ILE A 59 -5.00 14.78 8.75
CA ILE A 59 -5.88 14.08 7.80
C ILE A 59 -6.55 15.08 6.86
N GLU A 60 -7.08 16.16 7.42
CA GLU A 60 -7.69 17.21 6.62
C GLU A 60 -6.72 17.74 5.56
N ASN A 61 -5.45 17.86 5.93
CA ASN A 61 -4.41 18.35 5.00
C ASN A 61 -3.79 17.28 4.15
N GLU A 62 -4.34 16.08 4.18
CA GLU A 62 -3.81 15.03 3.38
C GLU A 62 -2.35 14.74 3.60
N GLU A 63 -1.98 14.60 4.87
CA GLU A 63 -0.69 14.13 5.31
C GLU A 63 -0.88 12.94 6.21
N PRO A 64 0.10 11.98 6.17
CA PRO A 64 -0.13 10.72 6.84
C PRO A 64 -0.06 10.92 8.36
N VAL A 65 -0.76 10.05 9.08
CA VAL A 65 -0.72 10.04 10.53
C VAL A 65 -1.00 8.63 10.93
N VAL A 66 -0.28 8.15 11.93
CA VAL A 66 -0.60 6.88 12.51
C VAL A 66 -1.44 7.15 13.75
N LEU A 67 -2.64 6.61 13.80
CA LEU A 67 -3.54 6.73 14.97
C LEU A 67 -3.47 5.49 15.79
N THR A 68 -3.21 5.64 17.08
CA THR A 68 -2.89 4.51 17.92
C THR A 68 -4.10 3.93 18.68
N ASP A 69 -5.20 4.68 18.78
CA ASP A 69 -6.31 4.29 19.59
C ASP A 69 -7.72 4.39 18.95
N THR A 70 -7.89 4.03 17.67
CA THR A 70 -9.19 4.20 17.03
C THR A 70 -10.17 3.10 17.39
N ASN A 71 -9.65 1.92 17.75
CA ASN A 71 -10.40 0.70 17.85
C ASN A 71 -11.06 0.30 16.57
N LEU A 72 -10.51 0.73 15.46
CA LEU A 72 -11.20 0.56 14.16
C LEU A 72 -11.55 -0.90 13.85
N VAL A 73 -10.59 -1.79 14.09
CA VAL A 73 -10.77 -3.22 13.77
C VAL A 73 -10.54 -4.04 15.07
N TYR A 74 -10.96 -3.46 16.22
CA TYR A 74 -10.75 -4.09 17.51
C TYR A 74 -11.19 -5.60 17.50
N PRO A 75 -12.33 -5.93 16.91
CA PRO A 75 -12.70 -7.38 17.01
C PRO A 75 -11.78 -8.29 16.19
N ALA A 76 -10.99 -7.71 15.28
CA ALA A 76 -10.13 -8.55 14.46
C ALA A 76 -8.78 -8.81 15.10
N LEU A 77 -8.50 -8.20 16.23
CA LEU A 77 -7.18 -8.40 16.78
C LEU A 77 -6.98 -9.82 17.24
N LYS A 78 -8.07 -10.55 17.44
CA LYS A 78 -7.99 -12.00 17.69
C LYS A 78 -7.78 -12.84 16.45
N TRP A 79 -7.95 -12.26 15.27
CA TRP A 79 -7.71 -13.03 14.03
C TRP A 79 -6.32 -13.62 14.05
N ASP A 80 -6.23 -14.83 13.50
CA ASP A 80 -4.97 -15.51 13.18
C ASP A 80 -5.37 -16.59 12.19
N LEU A 81 -4.42 -17.36 11.71
CA LEU A 81 -4.69 -18.35 10.65
C LEU A 81 -5.73 -19.40 11.05
N GLU A 82 -5.63 -19.88 12.29
CA GLU A 82 -6.55 -20.90 12.74
C GLU A 82 -7.98 -20.34 12.80
N TYR A 83 -8.11 -19.22 13.53
CA TYR A 83 -9.40 -18.55 13.64
C TYR A 83 -9.98 -18.23 12.26
N LEU A 84 -9.15 -17.77 11.31
CA LEU A 84 -9.70 -17.42 9.98
C LEU A 84 -10.04 -18.69 9.13
N GLN A 85 -9.25 -19.75 9.26
CA GLN A 85 -9.59 -21.00 8.55
C GLN A 85 -10.94 -21.44 9.08
N GLU A 86 -11.05 -21.56 10.39
CA GLU A 86 -12.32 -21.92 11.02
C GLU A 86 -13.50 -21.15 10.41
N ASN A 87 -13.36 -19.84 10.15
CA ASN A 87 -14.56 -18.98 10.13
C ASN A 87 -14.87 -18.20 8.88
N ILE A 88 -13.97 -18.19 7.91
CA ILE A 88 -14.07 -17.19 6.88
C ILE A 88 -14.88 -17.61 5.63
N GLY A 89 -15.30 -18.87 5.58
CA GLY A 89 -16.06 -19.37 4.42
C GLY A 89 -15.17 -20.11 3.43
N ASN A 90 -15.79 -20.46 2.30
CA ASN A 90 -15.27 -21.40 1.29
C ASN A 90 -15.24 -20.66 -0.03
N GLY A 91 -15.29 -19.33 0.06
CA GLY A 91 -15.02 -18.47 -1.10
C GLY A 91 -13.58 -18.65 -1.50
N ASP A 92 -13.28 -18.19 -2.72
CA ASP A 92 -11.92 -18.16 -3.27
C ASP A 92 -11.14 -16.92 -2.80
N PHE A 93 -9.86 -17.14 -2.47
CA PHE A 93 -8.90 -16.09 -2.09
C PHE A 93 -7.78 -15.97 -3.10
N SER A 94 -7.52 -14.73 -3.55
CA SER A 94 -6.33 -14.43 -4.36
C SER A 94 -5.05 -14.48 -3.56
N VAL A 95 -4.15 -15.36 -4.03
CA VAL A 95 -2.82 -15.55 -3.45
C VAL A 95 -1.76 -15.28 -4.51
N TYR A 96 -0.92 -14.30 -4.18
CA TYR A 96 0.16 -13.88 -5.03
C TYR A 96 1.40 -14.65 -4.53
N SER A 97 2.22 -14.98 -5.53
CA SER A 97 3.38 -15.84 -5.44
C SER A 97 4.64 -15.09 -5.87
N ALA A 98 5.77 -15.39 -5.25
CA ALA A 98 7.02 -14.76 -5.62
C ALA A 98 8.27 -15.49 -5.12
N SER A 99 9.32 -15.40 -5.94
CA SER A 99 10.59 -16.03 -5.66
C SER A 99 11.57 -15.01 -5.09
N THR A 100 11.15 -13.75 -4.96
CA THR A 100 11.90 -12.73 -4.22
C THR A 100 11.01 -12.20 -3.12
N HIS A 101 11.61 -11.48 -2.17
CA HIS A 101 10.83 -10.69 -1.23
C HIS A 101 9.95 -9.60 -1.90
N LYS A 102 10.25 -9.23 -3.14
CA LYS A 102 9.55 -8.18 -3.85
C LYS A 102 8.44 -8.71 -4.66
N PHE A 103 7.23 -8.29 -4.32
CA PHE A 103 6.02 -8.66 -4.99
C PHE A 103 5.58 -7.54 -5.92
N LEU A 104 6.13 -7.44 -7.10
CA LEU A 104 5.56 -6.53 -8.09
C LEU A 104 4.22 -7.13 -8.61
N TYR A 105 3.21 -6.27 -8.73
CA TYR A 105 1.87 -6.63 -9.23
C TYR A 105 1.53 -6.06 -10.63
N TYR A 106 0.70 -6.79 -11.36
CA TYR A 106 0.40 -6.50 -12.74
C TYR A 106 -1.05 -6.23 -12.84
N ASP A 107 -1.42 -5.23 -13.59
CA ASP A 107 -2.79 -5.05 -13.96
C ASP A 107 -3.01 -5.97 -15.18
N GLU A 108 -3.85 -6.99 -14.99
CA GLU A 108 -3.92 -8.05 -16.01
C GLU A 108 -4.59 -7.54 -17.28
N LYS A 109 -5.57 -6.64 -17.13
CA LYS A 109 -6.14 -5.97 -18.30
C LYS A 109 -5.08 -5.27 -19.16
N LYS A 110 -4.02 -4.69 -18.57
CA LYS A 110 -3.02 -3.97 -19.37
C LYS A 110 -2.00 -4.85 -20.05
N MET A 111 -1.97 -6.12 -19.67
CA MET A 111 -1.01 -7.06 -20.28
C MET A 111 -1.22 -7.28 -21.77
N ALA A 112 -2.45 -7.14 -22.26
CA ALA A 112 -2.68 -7.10 -23.72
C ALA A 112 -1.55 -6.31 -24.47
N ASN A 113 -1.29 -5.10 -24.00
CA ASN A 113 -0.52 -4.13 -24.76
C ASN A 113 0.94 -4.08 -24.50
N PHE A 114 1.47 -5.04 -23.76
CA PHE A 114 2.92 -5.13 -23.59
C PHE A 114 3.33 -6.61 -23.67
N GLN A 115 3.61 -7.09 -24.90
CA GLN A 115 4.01 -8.49 -25.17
C GLN A 115 5.21 -8.94 -24.35
N ASN A 116 6.28 -8.15 -24.38
CA ASN A 116 7.50 -8.43 -23.61
C ASN A 116 7.11 -8.17 -22.18
N PHE A 117 6.18 -8.97 -21.66
CA PHE A 117 5.70 -8.82 -20.32
C PHE A 117 5.28 -10.21 -19.86
N LYS A 118 6.26 -11.07 -19.65
CA LYS A 118 6.08 -12.26 -18.81
C LYS A 118 6.00 -11.76 -17.34
N PRO A 119 5.10 -12.33 -16.52
CA PRO A 119 5.00 -11.90 -15.10
C PRO A 119 5.83 -12.69 -14.06
N ARG A 120 6.47 -11.97 -13.12
CA ARG A 120 7.23 -12.55 -11.97
C ARG A 120 6.37 -12.89 -10.69
N SER A 121 5.25 -12.19 -10.45
CA SER A 121 4.21 -12.57 -9.41
C SER A 121 2.82 -13.00 -9.96
N ASN A 122 2.63 -14.32 -10.07
CA ASN A 122 1.38 -14.89 -10.53
C ASN A 122 0.38 -14.99 -9.39
N ARG A 123 -0.85 -14.65 -9.73
CA ARG A 123 -2.03 -14.85 -8.92
C ARG A 123 -2.41 -16.32 -8.99
N GLU A 124 -2.89 -16.85 -7.89
CA GLU A 124 -3.55 -18.13 -7.87
C GLU A 124 -4.79 -18.00 -6.98
N GLU A 125 -5.94 -18.46 -7.47
CA GLU A 125 -7.14 -18.54 -6.66
C GLU A 125 -7.09 -19.81 -5.87
N MET A 126 -7.46 -19.75 -4.61
CA MET A 126 -7.52 -20.92 -3.78
C MET A 126 -8.39 -20.70 -2.55
N LYS A 127 -8.65 -21.75 -1.78
CA LYS A 127 -9.55 -21.66 -0.65
C LYS A 127 -8.69 -21.36 0.52
N PHE A 128 -9.27 -20.78 1.55
CA PHE A 128 -8.46 -20.31 2.65
C PHE A 128 -7.61 -21.45 3.19
N HIS A 129 -8.23 -22.63 3.36
CA HIS A 129 -7.52 -23.81 3.92
C HIS A 129 -6.30 -24.20 3.06
N GLU A 130 -6.41 -24.04 1.75
CA GLU A 130 -5.33 -24.39 0.85
C GLU A 130 -4.13 -23.44 1.03
N PHE A 131 -4.43 -22.16 1.18
CA PHE A 131 -3.38 -21.15 1.42
C PHE A 131 -2.64 -21.51 2.71
N VAL A 132 -3.38 -21.89 3.75
CA VAL A 132 -2.77 -22.20 5.03
C VAL A 132 -1.89 -23.43 4.94
N GLU A 133 -2.40 -24.43 4.22
CA GLU A 133 -1.69 -25.68 3.96
C GLU A 133 -0.39 -25.36 3.26
N LYS A 134 -0.53 -24.60 2.18
CA LYS A 134 0.61 -24.19 1.35
C LYS A 134 1.68 -23.39 2.09
N LEU A 135 1.24 -22.54 3.00
CA LEU A 135 2.16 -21.83 3.85
C LEU A 135 2.92 -22.84 4.67
N GLN A 136 2.17 -23.74 5.30
CA GLN A 136 2.73 -24.75 6.18
C GLN A 136 3.65 -25.79 5.56
N ASP A 137 3.37 -26.23 4.33
CA ASP A 137 4.30 -27.19 3.74
C ASP A 137 5.57 -26.49 3.23
N ILE A 138 5.55 -25.16 3.15
CA ILE A 138 6.75 -24.37 2.93
C ILE A 138 7.56 -24.27 4.23
N GLN A 139 6.94 -23.75 5.28
CA GLN A 139 7.55 -23.73 6.61
C GLN A 139 8.06 -25.15 6.87
N GLN A 140 7.14 -26.13 6.96
CA GLN A 140 7.52 -27.51 7.33
C GLN A 140 8.60 -28.14 6.43
N ARG A 141 8.82 -27.61 5.22
CA ARG A 141 9.94 -28.09 4.38
C ARG A 141 11.10 -27.09 4.17
N GLY A 142 11.00 -25.89 4.73
CA GLY A 142 12.05 -24.87 4.55
C GLY A 142 12.36 -24.39 3.12
N GLY A 143 11.37 -24.40 2.22
CA GLY A 143 11.53 -23.75 0.90
C GLY A 143 11.59 -22.21 1.00
N GLU A 144 12.03 -21.57 -0.08
CA GLU A 144 12.23 -20.11 -0.10
C GLU A 144 11.21 -19.31 -0.93
N GLU A 145 10.12 -19.94 -1.37
CA GLU A 145 9.07 -19.19 -2.05
C GLU A 145 8.26 -18.40 -1.03
N ARG A 146 7.49 -17.44 -1.53
CA ARG A 146 6.78 -16.48 -0.70
C ARG A 146 5.40 -16.30 -1.23
N LEU A 147 4.44 -16.19 -0.34
CA LEU A 147 3.07 -15.96 -0.76
C LEU A 147 2.51 -14.73 -0.07
N TYR A 148 1.50 -14.12 -0.69
CA TYR A 148 0.84 -12.96 -0.10
C TYR A 148 -0.65 -12.92 -0.46
N LEU A 149 -1.50 -13.36 0.46
CA LEU A 149 -2.91 -13.35 0.21
C LEU A 149 -3.41 -11.93 0.25
N GLN A 150 -4.16 -11.56 -0.79
CA GLN A 150 -4.70 -10.22 -0.93
C GLN A 150 -6.03 -10.35 -1.57
N GLN A 151 -7.08 -10.26 -0.74
CA GLN A 151 -8.47 -10.54 -1.12
C GLN A 151 -9.48 -9.58 -0.48
N THR A 152 -10.31 -8.99 -1.33
CA THR A 152 -11.46 -8.15 -0.97
C THR A 152 -12.53 -8.89 -0.12
N LEU A 153 -12.84 -8.34 1.04
CA LEU A 153 -13.82 -8.93 1.95
C LEU A 153 -15.16 -8.82 1.29
N ASN A 154 -15.92 -9.89 1.26
CA ASN A 154 -17.20 -9.83 0.54
C ASN A 154 -18.21 -10.75 1.16
N ASP A 155 -19.28 -11.01 0.40
CA ASP A 155 -20.42 -11.86 0.80
C ASP A 155 -20.15 -13.20 1.41
N THR A 156 -19.19 -13.94 0.85
CA THR A 156 -19.08 -15.37 1.14
C THR A 156 -18.51 -15.66 2.50
N VAL A 157 -18.09 -14.64 3.24
CA VAL A 157 -17.41 -14.91 4.48
C VAL A 157 -18.42 -15.42 5.49
N GLY A 158 -17.95 -16.23 6.44
CA GLY A 158 -18.79 -16.86 7.39
C GLY A 158 -19.23 -15.93 8.48
N ARG A 159 -20.17 -16.43 9.26
CA ARG A 159 -20.95 -15.57 10.14
C ARG A 159 -20.12 -14.91 11.26
N LYS A 160 -19.17 -15.63 11.85
CA LYS A 160 -18.40 -15.09 12.92
C LYS A 160 -17.54 -13.89 12.37
N ILE A 161 -17.10 -13.98 11.11
CA ILE A 161 -16.27 -12.96 10.51
C ILE A 161 -17.12 -11.77 10.16
N VAL A 162 -18.34 -12.02 9.71
CA VAL A 162 -19.25 -10.92 9.46
C VAL A 162 -19.59 -10.20 10.77
N MET A 163 -19.56 -10.88 11.91
CA MET A 163 -19.83 -10.25 13.24
C MET A 163 -18.65 -9.34 13.68
N ASP A 164 -17.45 -9.87 13.54
CA ASP A 164 -16.21 -9.06 13.68
C ASP A 164 -16.26 -7.77 12.88
N PHE A 165 -16.54 -7.93 11.59
CA PHE A 165 -16.67 -6.83 10.63
C PHE A 165 -17.64 -5.78 11.10
N LEU A 166 -18.73 -6.24 11.64
CA LEU A 166 -19.83 -5.38 12.04
C LEU A 166 -19.42 -4.65 13.31
N GLY A 167 -18.55 -5.29 14.09
CA GLY A 167 -17.99 -4.67 15.25
C GLY A 167 -16.77 -3.73 14.98
N PHE A 168 -16.43 -3.47 13.72
CA PHE A 168 -15.37 -2.49 13.43
C PHE A 168 -15.97 -1.20 13.92
N ASN A 169 -15.12 -0.17 14.11
CA ASN A 169 -15.56 1.15 14.64
C ASN A 169 -16.08 2.08 13.52
N TRP A 170 -17.23 1.70 13.01
CA TRP A 170 -17.92 2.45 11.96
C TRP A 170 -18.33 3.82 12.44
N ASN A 171 -18.59 3.98 13.72
CA ASN A 171 -19.02 5.25 14.21
C ASN A 171 -17.85 6.23 13.89
N TRP A 172 -16.62 5.78 14.12
CA TRP A 172 -15.45 6.67 14.02
C TRP A 172 -15.10 6.90 12.53
N ILE A 173 -15.06 5.83 11.73
CA ILE A 173 -14.61 5.96 10.36
C ILE A 173 -15.66 6.62 9.48
N ASN A 174 -16.94 6.42 9.75
CA ASN A 174 -17.98 7.14 9.00
C ASN A 174 -17.97 8.65 9.33
N LYS A 175 -17.64 9.01 10.55
CA LYS A 175 -17.57 10.42 10.89
C LYS A 175 -16.39 11.03 10.13
N GLN A 176 -15.31 10.27 9.95
CA GLN A 176 -14.17 10.72 9.15
C GLN A 176 -14.52 10.95 7.70
N GLN A 177 -15.11 9.92 7.10
CA GLN A 177 -15.59 9.96 5.77
C GLN A 177 -16.47 11.21 5.55
N GLY A 178 -17.32 11.54 6.54
CA GLY A 178 -18.27 12.65 6.47
C GLY A 178 -17.52 13.96 6.55
N LYS A 179 -16.64 14.07 7.52
CA LYS A 179 -15.88 15.29 7.73
C LYS A 179 -14.95 15.65 6.57
N ARG A 180 -14.38 14.66 5.91
CA ARG A 180 -13.44 14.92 4.81
C ARG A 180 -14.15 14.99 3.44
N GLY A 181 -15.46 14.77 3.43
CA GLY A 181 -16.20 14.81 2.19
C GLY A 181 -15.83 13.76 1.20
N TRP A 182 -15.21 12.67 1.67
CA TRP A 182 -14.88 11.57 0.75
C TRP A 182 -16.11 10.90 0.18
N GLY A 183 -15.92 10.19 -0.90
CA GLY A 183 -16.98 9.40 -1.42
C GLY A 183 -17.13 8.15 -0.62
N GLN A 184 -17.69 7.15 -1.27
CA GLN A 184 -18.09 5.93 -0.60
C GLN A 184 -16.92 4.97 -0.38
N LEU A 185 -17.09 4.11 0.62
CA LEU A 185 -16.17 3.02 0.86
C LEU A 185 -16.19 2.11 -0.35
N THR A 186 -15.12 2.05 -1.10
CA THR A 186 -15.12 1.16 -2.22
C THR A 186 -14.77 -0.26 -1.85
N SER A 187 -13.91 -0.52 -0.86
CA SER A 187 -13.62 -1.92 -0.50
C SER A 187 -12.72 -2.01 0.71
N ASN A 188 -12.59 -3.23 1.22
CA ASN A 188 -11.68 -3.53 2.28
C ASN A 188 -10.84 -4.67 1.85
N LEU A 189 -9.54 -4.52 1.80
CA LEU A 189 -8.70 -5.58 1.26
C LEU A 189 -8.16 -6.26 2.48
N LEU A 190 -8.07 -7.58 2.43
CA LEU A 190 -7.57 -8.32 3.57
C LEU A 190 -6.23 -8.74 3.10
N LEU A 191 -5.15 -8.45 3.87
CA LEU A 191 -3.82 -8.84 3.48
C LEU A 191 -3.12 -9.67 4.52
N ILE A 192 -2.48 -10.74 4.08
CA ILE A 192 -1.88 -11.66 5.01
C ILE A 192 -0.61 -12.07 4.37
N GLY A 193 0.50 -11.68 4.98
CA GLY A 193 1.78 -11.86 4.35
C GLY A 193 2.71 -12.68 5.20
N MET A 194 3.73 -13.17 4.55
CA MET A 194 4.82 -13.80 5.24
C MET A 194 5.83 -12.74 5.60
N GLU A 195 6.59 -13.03 6.64
CA GLU A 195 7.65 -12.20 7.11
C GLU A 195 8.58 -11.89 5.97
N GLY A 196 9.05 -10.64 5.87
CA GLY A 196 9.97 -10.19 4.83
C GLY A 196 9.33 -9.80 3.52
N ASN A 197 8.06 -10.14 3.30
CA ASN A 197 7.36 -9.70 2.07
C ASN A 197 7.45 -8.16 1.89
N VAL A 198 7.74 -7.73 0.67
CA VAL A 198 7.69 -6.35 0.35
C VAL A 198 6.67 -6.04 -0.74
N THR A 199 5.84 -5.03 -0.50
CA THR A 199 5.05 -4.40 -1.58
C THR A 199 5.83 -3.17 -1.96
N PRO A 200 6.44 -3.17 -3.16
CA PRO A 200 7.26 -2.03 -3.53
C PRO A 200 6.43 -0.74 -3.77
N ALA A 201 7.14 0.37 -3.78
CA ALA A 201 6.62 1.70 -3.83
C ALA A 201 5.68 1.93 -5.00
N HIS A 202 4.47 2.37 -4.66
CA HIS A 202 3.42 2.69 -5.58
C HIS A 202 2.52 3.70 -4.96
N TYR A 203 1.63 4.30 -5.77
CA TYR A 203 0.57 5.11 -5.23
C TYR A 203 -0.82 4.56 -5.68
N ASP A 204 -1.84 4.91 -4.91
CA ASP A 204 -3.22 4.54 -5.16
C ASP A 204 -3.94 5.87 -5.27
N GLU A 205 -5.04 5.82 -5.97
CA GLU A 205 -5.81 6.99 -6.26
C GLU A 205 -6.95 7.22 -5.26
N GLN A 206 -7.18 6.26 -4.36
CA GLN A 206 -8.10 6.47 -3.20
C GLN A 206 -7.39 6.77 -1.85
N GLN A 207 -8.18 7.28 -0.88
CA GLN A 207 -7.80 7.55 0.47
C GLN A 207 -7.80 6.24 1.13
N ASN A 208 -6.80 5.97 1.97
CA ASN A 208 -6.73 4.65 2.62
C ASN A 208 -6.50 4.78 4.16
N PHE A 209 -7.41 4.21 4.97
CA PHE A 209 -7.07 3.89 6.37
C PHE A 209 -6.62 2.45 6.39
N PHE A 210 -5.42 2.24 6.91
CA PHE A 210 -4.66 0.97 6.83
C PHE A 210 -4.54 0.44 8.18
N ALA A 211 -5.42 -0.49 8.53
CA ALA A 211 -5.59 -0.99 9.88
C ALA A 211 -4.79 -2.26 10.14
N GLN A 212 -3.74 -2.11 10.96
CA GLN A 212 -2.92 -3.24 11.30
C GLN A 212 -3.52 -4.11 12.43
N ILE A 213 -3.37 -5.40 12.23
CA ILE A 213 -4.12 -6.41 12.99
C ILE A 213 -3.17 -7.40 13.66
N LYS A 214 -2.28 -8.02 12.89
CA LYS A 214 -1.35 -8.97 13.46
C LYS A 214 0.04 -8.67 12.89
N GLY A 215 1.06 -8.62 13.73
CA GLY A 215 2.43 -8.50 13.21
C GLY A 215 2.78 -7.03 12.99
N TYR A 216 3.95 -6.78 12.40
CA TYR A 216 4.48 -5.43 12.28
C TYR A 216 4.86 -5.17 10.83
N LYS A 217 4.46 -4.00 10.33
CA LYS A 217 4.82 -3.58 8.98
C LYS A 217 5.51 -2.23 9.04
N ARG A 218 6.61 -2.11 8.33
CA ARG A 218 7.28 -0.78 8.17
C ARG A 218 6.74 -0.18 6.89
N CYS A 219 6.17 1.01 7.03
CA CYS A 219 5.51 1.70 5.92
C CYS A 219 6.39 2.94 5.63
N ILE A 220 6.88 3.05 4.39
CA ILE A 220 7.68 4.21 3.91
C ILE A 220 6.84 4.93 2.85
N LEU A 221 6.52 6.20 3.13
CA LEU A 221 5.65 7.02 2.30
C LEU A 221 6.45 8.19 1.69
N PHE A 222 6.09 8.57 0.46
CA PHE A 222 6.67 9.70 -0.14
C PHE A 222 5.48 10.53 -0.63
N PRO A 223 5.63 11.83 -0.50
CA PRO A 223 4.61 12.74 -0.96
C PRO A 223 4.46 12.77 -2.49
N PRO A 224 3.28 13.21 -2.94
CA PRO A 224 3.04 13.19 -4.36
C PRO A 224 4.03 14.04 -5.15
N ASP A 225 4.57 15.06 -4.49
CA ASP A 225 5.59 15.85 -5.08
C ASP A 225 6.90 15.16 -5.28
N GLN A 226 7.05 13.87 -4.88
CA GLN A 226 8.26 13.13 -5.21
C GLN A 226 8.15 12.35 -6.53
N PHE A 227 7.15 12.69 -7.33
CA PHE A 227 6.90 11.99 -8.57
C PHE A 227 8.21 11.97 -9.42
N GLU A 228 8.93 13.10 -9.47
CA GLU A 228 10.13 13.09 -10.30
C GLU A 228 11.30 12.33 -9.79
N CYS A 229 11.30 11.94 -8.49
CA CYS A 229 12.29 11.03 -7.99
C CYS A 229 11.95 9.56 -8.05
N LEU A 230 10.68 9.20 -8.37
CA LEU A 230 10.25 7.79 -8.24
C LEU A 230 9.88 7.10 -9.56
N TYR A 231 9.84 7.87 -10.62
CA TYR A 231 9.79 7.32 -11.97
C TYR A 231 8.71 6.18 -12.15
N PRO A 232 7.43 6.51 -11.96
CA PRO A 232 6.43 5.51 -12.22
C PRO A 232 6.51 4.99 -13.65
N TYR A 233 6.06 3.75 -13.85
CA TYR A 233 5.89 3.17 -15.14
C TYR A 233 4.91 3.97 -15.98
N PRO A 234 4.99 3.81 -17.32
CA PRO A 234 3.96 4.42 -18.14
C PRO A 234 2.56 3.96 -17.73
N VAL A 235 1.57 4.84 -17.88
CA VAL A 235 0.23 4.54 -17.47
C VAL A 235 -0.38 3.28 -18.14
N HIS A 236 -0.09 3.01 -19.41
CA HIS A 236 -0.60 1.83 -20.09
C HIS A 236 0.17 0.54 -19.78
N HIS A 237 1.29 0.67 -19.11
CA HIS A 237 2.04 -0.52 -18.67
C HIS A 237 1.32 -1.28 -17.58
N PRO A 238 1.50 -2.60 -17.52
CA PRO A 238 0.86 -3.33 -16.44
C PRO A 238 1.29 -2.92 -15.04
N CYS A 239 2.47 -2.30 -14.90
CA CYS A 239 2.89 -1.80 -13.58
C CYS A 239 2.65 -0.32 -13.36
N ASP A 240 1.68 0.23 -14.08
CA ASP A 240 1.11 1.55 -13.84
C ASP A 240 0.97 1.81 -12.31
N ARG A 241 1.52 2.94 -11.86
CA ARG A 241 1.43 3.45 -10.51
C ARG A 241 2.49 2.86 -9.60
N GLN A 242 3.38 2.04 -10.15
CA GLN A 242 4.44 1.48 -9.32
C GLN A 242 5.72 2.22 -9.78
N SER A 243 6.69 2.40 -8.90
CA SER A 243 7.99 2.95 -9.20
C SER A 243 8.82 1.95 -10.02
N GLN A 244 9.54 2.47 -11.02
CA GLN A 244 10.47 1.66 -11.77
C GLN A 244 11.76 1.39 -11.02
N VAL A 245 12.03 2.10 -9.92
CA VAL A 245 13.28 2.00 -9.30
C VAL A 245 13.28 0.81 -8.40
N ASP A 246 14.31 -0.02 -8.49
CA ASP A 246 14.50 -1.15 -7.52
C ASP A 246 15.21 -0.56 -6.27
N PHE A 247 14.49 -0.54 -5.17
CA PHE A 247 14.98 0.12 -3.98
C PHE A 247 16.19 -0.59 -3.40
N ASP A 248 16.34 -1.89 -3.67
CA ASP A 248 17.49 -2.68 -3.21
C ASP A 248 18.70 -2.45 -4.10
N ASN A 249 18.49 -2.13 -5.39
CA ASN A 249 19.61 -1.89 -6.34
C ASN A 249 19.31 -0.76 -7.34
N PRO A 250 19.42 0.47 -6.85
CA PRO A 250 18.81 1.55 -7.62
C PRO A 250 19.70 1.96 -8.76
N ASP A 251 19.14 2.06 -9.98
CA ASP A 251 19.89 2.51 -11.11
C ASP A 251 19.90 4.04 -11.24
N TYR A 252 20.91 4.63 -10.66
CA TYR A 252 21.13 6.09 -10.70
C TYR A 252 21.43 6.69 -12.06
N GLU A 253 21.88 5.86 -12.99
CA GLU A 253 21.96 6.31 -14.32
C GLU A 253 20.63 6.41 -14.98
N ARG A 254 19.70 5.45 -14.84
CA ARG A 254 18.40 5.76 -15.43
C ARG A 254 17.54 6.70 -14.55
N PHE A 255 17.70 6.61 -13.21
CA PHE A 255 16.79 7.29 -12.32
C PHE A 255 17.54 8.32 -11.45
N PRO A 256 18.20 9.28 -12.10
CA PRO A 256 19.15 10.06 -11.28
C PRO A 256 18.53 10.75 -10.05
N ASN A 257 17.35 11.29 -10.20
CA ASN A 257 16.72 11.93 -9.07
C ASN A 257 16.27 11.02 -7.93
N PHE A 258 16.43 9.71 -8.04
CA PHE A 258 16.16 8.91 -6.90
C PHE A 258 17.21 9.18 -5.82
N GLN A 259 18.29 9.85 -6.21
CA GLN A 259 19.35 10.27 -5.29
C GLN A 259 18.87 11.38 -4.34
N ASN A 260 17.81 12.08 -4.71
CA ASN A 260 17.24 13.17 -3.95
C ASN A 260 15.95 12.81 -3.19
N VAL A 261 15.52 11.56 -3.20
CA VAL A 261 14.25 11.22 -2.58
C VAL A 261 14.34 11.21 -1.07
N VAL A 262 13.29 11.74 -0.48
CA VAL A 262 13.14 11.79 0.99
C VAL A 262 11.74 11.28 1.36
N GLY A 263 11.73 10.31 2.24
CA GLY A 263 10.50 9.67 2.76
C GLY A 263 10.13 9.84 4.25
N TYR A 264 8.92 9.33 4.58
CA TYR A 264 8.38 9.39 5.88
C TYR A 264 8.16 7.94 6.24
N GLU A 265 8.54 7.53 7.44
CA GLU A 265 8.35 6.14 7.75
C GLU A 265 7.80 5.89 9.12
N THR A 266 7.31 4.66 9.27
CA THR A 266 6.77 4.24 10.52
C THR A 266 6.67 2.74 10.59
N VAL A 267 6.62 2.23 11.82
CA VAL A 267 6.34 0.80 11.99
C VAL A 267 4.99 0.61 12.70
N VAL A 268 4.05 -0.05 12.01
CA VAL A 268 2.72 -0.26 12.58
C VAL A 268 2.58 -1.65 13.17
N GLY A 269 1.90 -1.73 14.31
CA GLY A 269 1.48 -2.98 14.86
C GLY A 269 0.01 -3.09 15.24
N PRO A 270 -0.32 -4.18 15.95
CA PRO A 270 -1.75 -4.50 16.13
C PRO A 270 -2.50 -3.33 16.72
N GLY A 271 -3.55 -2.83 16.07
CA GLY A 271 -4.30 -1.70 16.68
C GLY A 271 -3.98 -0.34 16.15
N ASP A 272 -2.86 -0.23 15.46
CA ASP A 272 -2.50 1.03 14.82
C ASP A 272 -3.28 1.09 13.45
N VAL A 273 -3.70 2.29 13.11
CA VAL A 273 -4.27 2.66 11.80
C VAL A 273 -3.40 3.80 11.21
N LEU A 274 -2.83 3.54 10.03
CA LEU A 274 -1.99 4.52 9.24
C LEU A 274 -2.89 5.15 8.15
N TYR A 275 -3.06 6.48 8.19
CA TYR A 275 -3.72 7.12 7.13
C TYR A 275 -2.70 7.29 6.02
N ILE A 276 -3.03 6.72 4.87
CA ILE A 276 -2.24 6.81 3.60
C ILE A 276 -3.02 7.71 2.66
N PRO A 277 -2.62 8.98 2.54
CA PRO A 277 -3.44 9.87 1.75
C PRO A 277 -3.27 9.52 0.31
N MET A 278 -4.31 9.85 -0.46
CA MET A 278 -4.53 9.55 -1.87
C MET A 278 -3.27 10.06 -2.57
N TYR A 279 -2.76 9.27 -3.50
CA TYR A 279 -1.57 9.71 -4.32
C TYR A 279 -0.23 9.68 -3.59
N TRP A 280 -0.22 9.45 -2.27
CA TRP A 280 1.06 9.33 -1.60
C TRP A 280 1.64 8.00 -1.92
N TRP A 281 2.89 8.00 -2.31
CA TRP A 281 3.64 6.73 -2.52
C TRP A 281 3.77 5.97 -1.24
N HIS A 282 3.69 4.65 -1.33
CA HIS A 282 3.95 3.83 -0.21
C HIS A 282 4.64 2.55 -0.59
N HIS A 283 5.56 2.17 0.27
CA HIS A 283 6.41 0.97 0.20
C HIS A 283 6.17 0.24 1.50
N ILE A 284 5.75 -1.02 1.46
CA ILE A 284 5.26 -1.70 2.70
C ILE A 284 6.01 -3.00 2.92
N GLU A 285 6.69 -3.11 4.04
CA GLU A 285 7.45 -4.35 4.32
C GLU A 285 7.07 -4.99 5.65
N SER A 286 6.72 -6.29 5.60
CA SER A 286 6.47 -7.10 6.78
C SER A 286 7.82 -7.43 7.45
N LEU A 287 8.00 -7.10 8.73
CA LEU A 287 9.35 -7.12 9.32
C LEU A 287 9.97 -8.49 9.19
N LEU A 288 11.29 -8.47 9.00
CA LEU A 288 12.09 -9.67 8.84
C LEU A 288 11.98 -10.42 10.16
N ASN A 289 11.68 -11.71 10.05
CA ASN A 289 11.62 -12.65 11.17
C ASN A 289 10.58 -12.26 12.21
N GLY A 290 9.49 -11.61 11.76
CA GLY A 290 8.46 -11.15 12.67
C GLY A 290 7.17 -11.95 12.60
N GLY A 291 7.13 -12.99 11.77
CA GLY A 291 5.97 -13.86 11.68
C GLY A 291 5.12 -13.26 10.61
N ILE A 292 3.90 -13.76 10.52
CA ILE A 292 3.03 -13.37 9.48
C ILE A 292 2.36 -12.06 9.86
N THR A 293 1.80 -11.40 8.85
CA THR A 293 1.18 -10.12 9.08
C THR A 293 -0.17 -10.16 8.61
N ILE A 294 -1.00 -9.44 9.32
CA ILE A 294 -2.30 -9.29 8.86
C ILE A 294 -2.69 -7.86 8.92
N THR A 295 -3.37 -7.43 7.86
CA THR A 295 -3.85 -6.07 7.79
C THR A 295 -5.14 -6.07 7.06
N VAL A 296 -5.97 -5.10 7.37
CA VAL A 296 -7.16 -4.85 6.57
C VAL A 296 -7.20 -3.37 6.27
N ASN A 297 -7.40 -2.99 4.99
CA ASN A 297 -7.43 -1.56 4.62
C ASN A 297 -8.85 -1.14 4.31
N PHE A 298 -9.04 0.18 4.24
CA PHE A 298 -10.32 0.82 4.00
C PHE A 298 -10.09 1.85 2.92
N TRP A 299 -10.56 1.56 1.71
CA TRP A 299 -10.36 2.49 0.58
C TRP A 299 -11.64 3.31 0.33
N TYR A 300 -11.50 4.62 0.24
CA TYR A 300 -12.55 5.59 -0.05
C TYR A 300 -12.20 6.43 -1.25
N LYS A 301 -13.14 6.64 -2.16
CA LYS A 301 -12.95 7.66 -3.21
C LYS A 301 -12.71 9.00 -2.58
N GLY A 302 -11.85 9.81 -3.19
CA GLY A 302 -11.48 11.11 -2.59
C GLY A 302 -12.63 12.11 -2.78
N ALA A 303 -12.52 13.25 -2.13
CA ALA A 303 -13.59 14.22 -2.16
C ALA A 303 -13.83 14.67 -3.60
N PRO A 304 -15.04 15.13 -3.93
CA PRO A 304 -15.21 15.54 -5.33
C PRO A 304 -14.29 16.71 -5.69
N THR A 305 -13.81 16.72 -6.91
CA THR A 305 -12.88 17.75 -7.34
C THR A 305 -13.59 19.12 -7.56
N PRO A 306 -13.18 20.23 -6.85
CA PRO A 306 -14.03 21.45 -6.79
C PRO A 306 -14.42 22.16 -8.12
N LYS A 307 -15.49 22.97 -8.06
CA LYS A 307 -16.12 23.55 -9.27
C LYS A 307 -15.12 24.31 -10.18
N ARG A 308 -14.50 25.36 -9.64
CA ARG A 308 -13.44 26.12 -10.34
C ARG A 308 -12.05 25.71 -9.79
N ILE A 309 -11.07 25.41 -10.64
CA ILE A 309 -9.71 25.07 -10.17
C ILE A 309 -9.19 26.23 -9.32
N GLU A 310 -8.44 25.93 -8.27
CA GLU A 310 -7.83 26.92 -7.40
C GLU A 310 -6.36 26.82 -7.64
N TYR A 311 -5.72 27.86 -8.14
CA TYR A 311 -4.27 27.88 -8.23
C TYR A 311 -3.75 28.35 -6.87
N PRO A 312 -2.58 27.86 -6.42
CA PRO A 312 -1.66 26.95 -7.10
C PRO A 312 -2.18 25.52 -6.99
N LEU A 313 -1.98 24.70 -8.03
CA LEU A 313 -2.47 23.31 -8.00
C LEU A 313 -1.70 22.49 -6.97
N LYS A 314 -2.34 21.51 -6.41
CA LYS A 314 -1.59 20.55 -5.62
C LYS A 314 -0.78 19.58 -6.50
N ALA A 315 0.24 18.96 -5.93
CA ALA A 315 1.05 17.98 -6.60
C ALA A 315 0.20 16.88 -7.15
N HIS A 316 -0.79 16.39 -6.40
CA HIS A 316 -1.56 15.29 -6.86
C HIS A 316 -2.40 15.60 -8.07
N GLN A 317 -2.84 16.85 -8.19
CA GLN A 317 -3.61 17.23 -9.34
C GLN A 317 -2.70 17.31 -10.58
N LYS A 318 -1.45 17.74 -10.42
CA LYS A 318 -0.48 17.67 -11.54
C LYS A 318 -0.23 16.19 -11.91
N VAL A 319 -0.25 15.31 -10.91
CA VAL A 319 -0.09 13.91 -11.23
C VAL A 319 -1.28 13.43 -12.08
N ALA A 320 -2.48 13.79 -11.66
CA ALA A 320 -3.74 13.41 -12.40
C ALA A 320 -3.72 13.92 -13.82
N ILE A 321 -3.17 15.12 -13.99
CA ILE A 321 -3.09 15.79 -15.30
C ILE A 321 -2.15 14.98 -16.21
N MET A 322 -1.07 14.46 -15.64
CA MET A 322 -0.07 13.72 -16.42
C MET A 322 -0.73 12.41 -16.85
N ARG A 323 -1.37 11.73 -15.90
CA ARG A 323 -2.06 10.51 -16.22
C ARG A 323 -3.02 10.75 -17.38
N ASN A 324 -3.78 11.84 -17.36
CA ASN A 324 -4.81 12.01 -18.38
C ASN A 324 -4.19 12.32 -19.69
N ILE A 325 -3.07 13.07 -19.74
CA ILE A 325 -2.42 13.29 -20.98
C ILE A 325 -2.04 11.91 -21.55
N GLU A 326 -1.36 11.05 -20.77
CA GLU A 326 -0.90 9.75 -21.27
C GLU A 326 -2.06 8.93 -21.77
N LYS A 327 -3.17 8.93 -21.03
CA LYS A 327 -4.34 8.11 -21.42
C LYS A 327 -5.01 8.54 -22.69
N MET A 328 -5.33 9.81 -22.78
CA MET A 328 -5.94 10.43 -24.04
C MET A 328 -5.02 10.31 -25.26
N LEU A 329 -3.73 10.37 -25.04
CA LEU A 329 -2.83 10.31 -26.16
C LEU A 329 -2.80 8.89 -26.69
N GLY A 330 -2.78 7.93 -25.79
CA GLY A 330 -2.93 6.53 -26.13
C GLY A 330 -4.18 6.19 -26.90
N GLU A 331 -5.31 6.78 -26.52
CA GLU A 331 -6.53 6.61 -27.29
C GLU A 331 -6.46 7.32 -28.60
N ALA A 332 -5.88 8.52 -28.63
CA ALA A 332 -5.95 9.28 -29.83
C ALA A 332 -5.04 8.68 -30.88
N LEU A 333 -3.87 8.17 -30.51
CA LEU A 333 -3.00 7.49 -31.48
C LEU A 333 -3.46 6.09 -31.89
N GLY A 334 -4.45 5.53 -31.18
CA GLY A 334 -4.88 4.18 -31.42
C GLY A 334 -3.97 3.05 -30.95
N ASN A 335 -2.95 3.38 -30.19
CA ASN A 335 -1.98 2.39 -29.79
C ASN A 335 -1.13 2.99 -28.63
N PRO A 336 -1.15 2.37 -27.45
CA PRO A 336 -0.36 2.94 -26.35
C PRO A 336 1.13 2.93 -26.57
N GLN A 337 1.60 2.11 -27.49
CA GLN A 337 3.02 2.01 -27.72
C GLN A 337 3.57 3.25 -28.41
N GLU A 338 2.73 4.01 -29.09
CA GLU A 338 3.11 5.24 -29.76
C GLU A 338 3.18 6.50 -28.85
N VAL A 339 2.69 6.39 -27.63
CA VAL A 339 2.75 7.47 -26.63
C VAL A 339 4.14 7.99 -26.46
N GLY A 340 5.08 7.13 -26.15
CA GLY A 340 6.41 7.54 -25.98
C GLY A 340 7.08 8.30 -27.09
N PRO A 341 7.07 7.75 -28.30
CA PRO A 341 7.68 8.39 -29.46
C PRO A 341 7.12 9.78 -29.67
N LEU A 342 5.82 9.93 -29.56
CA LEU A 342 5.19 11.21 -29.74
C LEU A 342 5.52 12.21 -28.66
N LEU A 343 5.50 11.80 -27.41
CA LEU A 343 5.89 12.70 -26.32
C LEU A 343 7.30 13.22 -26.54
N ASN A 344 8.20 12.36 -26.96
CA ASN A 344 9.57 12.79 -27.24
C ASN A 344 9.67 13.76 -28.39
N THR A 345 9.03 13.42 -29.49
CA THR A 345 8.94 14.35 -30.62
C THR A 345 8.44 15.73 -30.20
N MET A 346 7.48 15.72 -29.27
CA MET A 346 6.95 16.94 -28.69
C MET A 346 7.96 17.78 -27.90
N ILE A 347 8.84 17.15 -27.12
CA ILE A 347 9.67 17.96 -26.26
C ILE A 347 11.03 18.20 -26.75
N LYS A 348 11.64 17.32 -27.55
CA LYS A 348 13.03 17.55 -27.93
C LYS A 348 13.36 18.74 -28.70
N GLY A 349 14.30 19.49 -28.18
CA GLY A 349 14.68 20.71 -28.85
C GLY A 349 13.56 21.78 -28.77
N ARG A 350 12.53 21.54 -27.96
CA ARG A 350 11.36 22.46 -27.87
C ARG A 350 11.07 22.85 -26.43
N TYR A 351 11.06 21.86 -25.53
CA TYR A 351 10.88 22.09 -24.09
C TYR A 351 11.99 21.52 -23.16
N ASN A 352 13.01 20.81 -23.66
CA ASN A 352 14.03 20.17 -22.75
C ASN A 352 15.39 20.87 -22.68
C1 OGA B . -2.34 -0.59 0.31
C2 OGA B . -1.13 -1.35 0.05
C4 OGA B . 0.24 -3.31 0.51
C5 OGA B . 0.69 -4.08 1.73
O1 OGA B . -3.03 -0.88 1.33
O2 OGA B . -2.66 0.33 -0.46
O2' OGA B . -0.42 -1.04 -0.89
O3 OGA B . 1.68 -4.84 1.61
N1 OGA B . -0.83 -2.39 0.83
O4 OGA B . 0.08 -3.93 2.79
N NO C . -2.41 -0.28 -3.22
O NO C . -2.53 -1.43 -3.57
C1 PEG D . -1.76 -4.26 -3.29
O1 PEG D . -1.51 -4.69 -1.95
C2 PEG D . -0.52 -3.52 -3.76
O2 PEG D . -0.72 -2.88 -5.02
C3 PEG D . 0.49 -2.43 -5.68
C4 PEG D . 0.34 -2.46 -7.19
O4 PEG D . -0.57 -1.44 -7.63
FE FE E . -1.35 0.55 -1.98
S SO4 F . 1.50 19.82 -2.38
O1 SO4 F . 2.83 20.34 -2.86
O2 SO4 F . 1.04 20.41 -1.08
O3 SO4 F . 0.48 20.13 -3.41
O4 SO4 F . 1.53 18.33 -2.30
S SO4 G . -6.59 3.46 -15.24
O1 SO4 G . -6.27 4.37 -14.09
O2 SO4 G . -6.80 2.10 -14.68
O3 SO4 G . -7.85 3.89 -15.95
O4 SO4 G . -5.48 3.53 -16.26
S SO4 H . 12.76 -13.12 6.70
O1 SO4 H . 13.92 -12.35 7.15
O2 SO4 H . 11.65 -12.90 7.67
O3 SO4 H . 12.43 -12.65 5.33
O4 SO4 H . 13.08 -14.57 6.59
S SO4 I . 11.13 -23.70 -2.87
O1 SO4 I . 12.30 -22.83 -3.17
O2 SO4 I . 10.15 -23.06 -1.95
O3 SO4 I . 10.45 -24.03 -4.16
O4 SO4 I . 11.60 -24.91 -2.17
S SO4 J . 2.35 5.30 21.51
O1 SO4 J . 2.18 6.76 21.23
O2 SO4 J . 3.22 4.97 22.66
O3 SO4 J . 3.09 4.78 20.33
O4 SO4 J . 1.01 4.67 21.74
#